data_5ABR
#
_entry.id   5ABR
#
_cell.length_a   39.040
_cell.length_b   60.100
_cell.length_c   45.510
_cell.angle_alpha   90.00
_cell.angle_beta   109.37
_cell.angle_gamma   90.00
#
_symmetry.space_group_name_H-M   'P 1 21 1'
#
loop_
_entity.id
_entity.type
_entity.pdbx_description
1 polymer 'FERREDOXIN, 2FE-2S'
2 non-polymer 'FE2/S2 (INORGANIC) CLUSTER'
3 water water
#
_entity_poly.entity_id   1
_entity_poly.type   'polypeptide(L)'
_entity_poly.pdbx_seq_one_letter_code
;MGSSHHHHHHSSGLVPRGSMAKPEFHIFICAQNRPAGHPRGSCGAKGAEGVYNAFAQVLIQKNLTNRIALTTTGCLGPCQ
AGANVLIYPGAVMYSWVEPADAAIIVEQHLLGGEPYADKLTPAEIW
;
_entity_poly.pdbx_strand_id   A,B
#
loop_
_chem_comp.id
_chem_comp.type
_chem_comp.name
_chem_comp.formula
FES non-polymer 'FE2/S2 (INORGANIC) CLUSTER' 'Fe2 S2'
#
# COMPACT_ATOMS: atom_id res chain seq x y z
N PRO A 23 -4.28 -8.91 -9.30
CA PRO A 23 -5.17 -7.81 -8.88
C PRO A 23 -5.48 -6.71 -9.94
N GLU A 24 -6.73 -6.67 -10.35
CA GLU A 24 -7.37 -5.59 -11.14
C GLU A 24 -7.35 -4.23 -10.37
N PHE A 25 -7.52 -4.34 -9.04
CA PHE A 25 -7.50 -3.24 -8.09
C PHE A 25 -6.83 -3.68 -6.86
N HIS A 26 -6.20 -2.70 -6.28
CA HIS A 26 -5.63 -2.80 -5.01
C HIS A 26 -6.21 -1.63 -4.12
N ILE A 27 -6.87 -2.05 -3.03
CA ILE A 27 -7.40 -1.19 -2.01
C ILE A 27 -6.47 -1.15 -0.82
N PHE A 28 -5.92 0.05 -0.59
CA PHE A 28 -5.06 0.31 0.55
C PHE A 28 -5.70 1.10 1.73
N ILE A 29 -5.65 0.52 2.92
CA ILE A 29 -6.41 1.09 4.01
C ILE A 29 -5.38 1.60 5.06
N CYS A 30 -5.30 2.93 5.31
CA CYS A 30 -4.31 3.36 6.25
C CYS A 30 -4.72 2.81 7.60
N ALA A 31 -3.79 2.18 8.30
CA ALA A 31 -4.07 1.53 9.60
C ALA A 31 -3.08 1.95 10.66
N GLN A 32 -2.38 3.01 10.38
CA GLN A 32 -1.45 3.59 11.32
C GLN A 32 -2.20 3.97 12.59
N ASN A 33 -1.69 3.53 13.74
CA ASN A 33 -2.12 3.93 15.02
C ASN A 33 -1.04 4.81 15.61
N ARG A 34 -1.46 5.83 16.31
CA ARG A 34 -0.58 6.57 17.13
C ARG A 34 -1.24 6.60 18.48
N PRO A 35 -0.45 6.80 19.56
CA PRO A 35 -1.04 7.02 20.89
C PRO A 35 -2.20 8.08 20.95
N ALA A 36 -3.20 7.74 21.73
CA ALA A 36 -4.29 8.62 22.11
C ALA A 36 -3.77 10.02 22.55
N GLY A 37 -4.17 11.03 21.81
CA GLY A 37 -3.85 12.42 22.10
C GLY A 37 -2.68 12.87 21.30
N HIS A 38 -2.06 12.01 20.48
CA HIS A 38 -1.09 12.43 19.51
C HIS A 38 -1.61 13.57 18.63
N PRO A 39 -0.81 14.65 18.47
CA PRO A 39 -1.33 15.86 17.74
C PRO A 39 -1.78 15.64 16.32
N ARG A 40 -1.15 14.67 15.60
CA ARG A 40 -1.58 14.22 14.29
C ARG A 40 -2.75 13.40 14.16
N GLY A 41 -3.17 12.74 15.24
CA GLY A 41 -4.18 11.65 15.16
C GLY A 41 -3.68 10.49 14.34
N SER A 42 -4.58 9.58 14.09
CA SER A 42 -4.22 8.39 13.34
C SER A 42 -5.48 7.81 12.75
N CYS A 43 -5.38 7.19 11.59
CA CYS A 43 -6.58 6.60 10.97
C CYS A 43 -7.02 5.45 11.86
N GLY A 44 -6.05 4.83 12.55
CA GLY A 44 -6.30 3.87 13.59
C GLY A 44 -7.34 4.39 14.60
N ALA A 45 -7.10 5.58 15.15
CA ALA A 45 -8.05 6.17 16.03
C ALA A 45 -9.34 6.67 15.32
N LYS A 46 -9.35 6.74 13.99
CA LYS A 46 -10.50 7.21 13.21
C LYS A 46 -11.33 6.12 12.55
N GLY A 47 -11.16 4.86 13.01
CA GLY A 47 -11.99 3.74 12.60
C GLY A 47 -11.53 2.92 11.44
N ALA A 48 -10.22 2.93 11.20
CA ALA A 48 -9.61 2.15 10.17
C ALA A 48 -10.08 0.68 10.18
N GLU A 49 -10.24 0.11 11.40
CA GLU A 49 -10.46 -1.31 11.57
C GLU A 49 -11.91 -1.52 11.06
N GLY A 50 -12.87 -0.68 11.51
CA GLY A 50 -14.27 -0.77 11.02
C GLY A 50 -14.39 -0.66 9.50
N VAL A 51 -13.61 0.27 8.95
CA VAL A 51 -13.46 0.41 7.48
C VAL A 51 -12.82 -0.79 6.73
N TYR A 52 -11.76 -1.35 7.26
CA TYR A 52 -11.13 -2.47 6.65
C TYR A 52 -12.14 -3.67 6.66
N ASN A 53 -12.78 -3.92 7.79
CA ASN A 53 -13.76 -5.03 7.91
C ASN A 53 -14.90 -4.90 6.94
N ALA A 54 -15.41 -3.66 6.71
CA ALA A 54 -16.51 -3.40 5.76
C ALA A 54 -16.08 -3.79 4.32
N PHE A 55 -14.92 -3.33 3.92
CA PHE A 55 -14.35 -3.73 2.61
C PHE A 55 -14.21 -5.22 2.46
N ALA A 56 -13.61 -5.89 3.46
CA ALA A 56 -13.37 -7.33 3.45
C ALA A 56 -14.73 -8.05 3.25
N GLN A 57 -15.74 -7.64 3.99
CA GLN A 57 -17.06 -8.25 3.97
C GLN A 57 -17.69 -8.03 2.61
N VAL A 58 -17.47 -6.88 1.96
CA VAL A 58 -18.08 -6.66 0.64
C VAL A 58 -17.41 -7.54 -0.42
N LEU A 59 -16.09 -7.56 -0.34
CA LEU A 59 -15.28 -8.36 -1.24
C LEU A 59 -15.59 -9.89 -1.15
N ILE A 60 -15.72 -10.42 0.04
CA ILE A 60 -15.97 -11.86 0.30
C ILE A 60 -17.36 -12.16 -0.18
N GLN A 61 -18.30 -11.24 0.15
CA GLN A 61 -19.67 -11.39 -0.31
C GLN A 61 -19.90 -11.34 -1.82
N LYS A 62 -19.19 -10.51 -2.57
CA LYS A 62 -19.30 -10.43 -4.04
C LYS A 62 -18.30 -11.31 -4.82
N ASN A 63 -17.63 -12.25 -4.18
CA ASN A 63 -16.56 -13.13 -4.77
C ASN A 63 -15.44 -12.44 -5.53
N LEU A 64 -14.98 -11.35 -4.91
CA LEU A 64 -13.91 -10.51 -5.40
C LEU A 64 -12.51 -10.60 -4.70
N THR A 65 -12.34 -11.52 -3.75
CA THR A 65 -11.09 -11.58 -3.03
C THR A 65 -9.95 -12.07 -3.94
N ASN A 66 -10.21 -12.72 -5.08
CA ASN A 66 -9.12 -13.03 -6.03
C ASN A 66 -8.88 -11.94 -7.07
N ARG A 67 -9.75 -10.93 -7.13
CA ARG A 67 -9.61 -9.89 -8.14
C ARG A 67 -9.10 -8.56 -7.59
N ILE A 68 -9.41 -8.29 -6.31
CA ILE A 68 -9.15 -7.06 -5.66
C ILE A 68 -8.40 -7.34 -4.36
N ALA A 69 -7.19 -6.76 -4.22
CA ALA A 69 -6.35 -6.99 -3.04
C ALA A 69 -6.69 -5.87 -2.06
N LEU A 70 -6.58 -6.19 -0.77
CA LEU A 70 -6.98 -5.35 0.32
C LEU A 70 -5.82 -5.50 1.28
N THR A 71 -5.22 -4.35 1.62
CA THR A 71 -4.03 -4.29 2.35
C THR A 71 -3.99 -3.09 3.31
N THR A 72 -3.56 -3.30 4.56
CA THR A 72 -3.34 -2.16 5.51
C THR A 72 -1.97 -1.49 5.20
N THR A 73 -1.88 -0.21 5.56
CA THR A 73 -0.70 0.56 5.27
C THR A 73 -0.39 1.43 6.46
N GLY A 74 0.84 1.91 6.52
CA GLY A 74 1.15 3.05 7.39
C GLY A 74 0.60 4.33 6.85
N CYS A 75 0.98 5.40 7.49
CA CYS A 75 0.36 6.66 7.27
C CYS A 75 0.47 6.94 5.75
N LEU A 76 -0.65 7.27 5.13
CA LEU A 76 -0.68 7.67 3.74
C LEU A 76 -0.44 9.19 3.54
N GLY A 77 -0.35 9.94 4.63
CA GLY A 77 0.02 11.39 4.67
C GLY A 77 -1.00 12.30 5.33
N PRO A 78 -2.23 12.37 4.77
CA PRO A 78 -3.23 13.37 5.20
C PRO A 78 -4.05 12.91 6.38
N CYS A 79 -3.39 12.76 7.54
CA CYS A 79 -4.00 12.20 8.73
C CYS A 79 -5.26 12.92 9.15
N GLN A 80 -5.31 14.26 9.04
CA GLN A 80 -6.48 15.01 9.52
C GLN A 80 -7.82 14.72 8.75
N ALA A 81 -7.72 13.97 7.65
CA ALA A 81 -8.80 13.71 6.77
C ALA A 81 -9.16 12.27 6.90
N GLY A 82 -8.56 11.56 7.85
CA GLY A 82 -8.76 10.07 7.94
C GLY A 82 -10.17 9.73 8.45
N ALA A 83 -10.54 8.47 8.49
CA ALA A 83 -9.83 7.31 7.87
C ALA A 83 -9.68 7.44 6.34
N ASN A 84 -8.45 7.26 5.88
CA ASN A 84 -8.01 7.38 4.46
C ASN A 84 -7.86 6.02 3.78
N VAL A 85 -8.36 5.95 2.53
CA VAL A 85 -8.21 4.73 1.65
C VAL A 85 -7.68 5.24 0.34
N LEU A 86 -6.72 4.57 -0.19
CA LEU A 86 -6.17 4.80 -1.49
C LEU A 86 -6.39 3.56 -2.40
N ILE A 87 -6.70 3.82 -3.67
CA ILE A 87 -6.96 2.82 -4.66
C ILE A 87 -6.03 2.98 -5.82
N TYR A 88 -5.47 1.82 -6.24
CA TYR A 88 -4.66 1.68 -7.44
C TYR A 88 -5.40 0.63 -8.31
N PRO A 89 -5.32 0.73 -9.69
CA PRO A 89 -4.72 1.79 -10.42
C PRO A 89 -5.45 3.05 -10.14
N GLY A 90 -4.73 4.15 -10.16
CA GLY A 90 -5.32 5.46 -10.22
C GLY A 90 -4.90 6.45 -9.16
N ALA A 91 -4.27 6.00 -8.05
CA ALA A 91 -3.95 6.85 -6.91
C ALA A 91 -5.20 7.66 -6.38
N VAL A 92 -6.38 7.01 -6.28
CA VAL A 92 -7.62 7.72 -5.91
C VAL A 92 -7.70 7.49 -4.43
N MET A 93 -7.66 8.57 -3.66
CA MET A 93 -7.81 8.57 -2.23
C MET A 93 -9.17 9.07 -1.86
N TYR A 94 -9.71 8.38 -0.87
CA TYR A 94 -10.97 8.68 -0.17
C TYR A 94 -10.65 8.96 1.26
N SER A 95 -11.39 9.91 1.81
CA SER A 95 -11.12 10.48 3.11
C SER A 95 -12.42 10.44 3.95
N TRP A 96 -12.27 10.53 5.25
CA TRP A 96 -13.38 10.48 6.23
C TRP A 96 -14.19 9.25 6.03
N VAL A 97 -13.52 8.18 5.66
CA VAL A 97 -14.24 7.01 5.21
C VAL A 97 -14.94 6.38 6.40
N GLU A 98 -16.19 6.00 6.17
CA GLU A 98 -17.00 5.21 7.10
C GLU A 98 -17.28 3.80 6.55
N PRO A 99 -17.69 2.86 7.43
CA PRO A 99 -18.03 1.46 6.96
C PRO A 99 -18.99 1.32 5.75
N ALA A 100 -20.06 2.10 5.75
CA ALA A 100 -21.04 2.20 4.67
C ALA A 100 -20.46 2.56 3.33
N ASP A 101 -19.37 3.31 3.30
CA ASP A 101 -18.74 3.66 1.98
C ASP A 101 -18.12 2.52 1.26
N ALA A 102 -17.70 1.52 1.98
CA ALA A 102 -17.01 0.42 1.34
C ALA A 102 -17.72 -0.17 0.11
N ALA A 103 -18.93 -0.66 0.37
CA ALA A 103 -19.77 -1.14 -0.71
C ALA A 103 -20.02 -0.10 -1.73
N ILE A 104 -20.21 1.16 -1.32
CA ILE A 104 -20.45 2.20 -2.32
C ILE A 104 -19.18 2.22 -3.25
N ILE A 105 -18.02 2.36 -2.68
CA ILE A 105 -16.77 2.47 -3.50
C ILE A 105 -16.57 1.22 -4.32
N VAL A 106 -16.81 0.08 -3.71
CA VAL A 106 -16.52 -1.17 -4.47
C VAL A 106 -17.44 -1.18 -5.73
N GLU A 107 -18.74 -0.91 -5.50
CA GLU A 107 -19.78 -1.03 -6.52
C GLU A 107 -19.77 0.11 -7.53
N GLN A 108 -19.79 1.35 -7.05
CA GLN A 108 -19.80 2.50 -7.95
C GLN A 108 -18.44 2.64 -8.73
N HIS A 109 -17.38 2.51 -7.98
CA HIS A 109 -16.04 2.85 -8.47
C HIS A 109 -15.38 1.59 -9.06
N LEU A 110 -15.17 0.59 -8.19
CA LEU A 110 -14.26 -0.50 -8.57
C LEU A 110 -14.93 -1.43 -9.64
N LEU A 111 -16.22 -1.72 -9.44
CA LEU A 111 -17.06 -2.36 -10.45
C LEU A 111 -17.69 -1.49 -11.53
N GLY A 112 -18.08 -0.23 -11.20
CA GLY A 112 -18.89 0.63 -12.09
C GLY A 112 -18.09 1.75 -12.80
N GLY A 113 -16.83 1.91 -12.38
CA GLY A 113 -15.95 2.91 -12.97
C GLY A 113 -16.12 4.40 -12.61
N GLU A 114 -16.91 4.72 -11.59
CA GLU A 114 -17.15 6.11 -11.24
C GLU A 114 -16.69 6.36 -9.82
N PRO A 115 -15.48 6.97 -9.63
CA PRO A 115 -15.11 7.38 -8.29
C PRO A 115 -16.30 8.03 -7.54
N TYR A 116 -16.37 7.75 -6.26
CA TYR A 116 -17.50 8.20 -5.42
C TYR A 116 -17.20 9.60 -4.91
N ALA A 117 -17.78 10.54 -5.60
CA ALA A 117 -17.44 11.90 -5.47
C ALA A 117 -17.57 12.31 -4.04
N ASP A 118 -18.49 11.72 -3.25
CA ASP A 118 -18.81 12.30 -1.92
C ASP A 118 -17.71 12.14 -0.93
N LYS A 119 -16.88 11.11 -1.07
CA LYS A 119 -15.83 10.94 -0.11
C LYS A 119 -14.38 11.12 -0.71
N LEU A 120 -14.28 11.56 -1.96
CA LEU A 120 -12.95 11.76 -2.58
C LEU A 120 -12.09 12.78 -1.85
N THR A 121 -10.80 12.41 -1.60
CA THR A 121 -9.95 13.32 -0.79
C THR A 121 -9.88 14.66 -1.50
N PRO A 122 -10.13 15.79 -0.79
CA PRO A 122 -10.01 17.05 -1.55
C PRO A 122 -8.72 17.14 -2.43
N ALA A 123 -8.91 17.63 -3.65
CA ALA A 123 -7.80 17.74 -4.63
C ALA A 123 -6.54 18.52 -4.09
N GLU A 124 -6.79 19.50 -3.22
CA GLU A 124 -5.78 20.35 -2.53
C GLU A 124 -4.84 19.53 -1.70
N ILE A 125 -5.43 18.54 -1.01
CA ILE A 125 -4.78 17.62 -0.06
C ILE A 125 -4.06 16.44 -0.70
N TRP A 126 -4.61 15.82 -1.74
CA TRP A 126 -4.00 14.65 -2.38
C TRP A 126 -4.06 14.90 -3.89
N PRO B 23 2.00 11.70 -6.36
CA PRO B 23 2.95 10.64 -6.61
C PRO B 23 3.04 10.16 -8.06
N GLU B 24 4.19 10.34 -8.68
CA GLU B 24 4.50 9.66 -9.94
C GLU B 24 4.58 8.13 -9.75
N PHE B 25 5.15 7.76 -8.60
CA PHE B 25 5.28 6.39 -8.19
C PHE B 25 4.86 6.26 -6.75
N HIS B 26 4.40 5.07 -6.41
CA HIS B 26 4.09 4.70 -5.04
C HIS B 26 4.83 3.35 -4.82
N ILE B 27 5.74 3.38 -3.80
CA ILE B 27 6.54 2.25 -3.37
C ILE B 27 5.94 1.70 -2.09
N PHE B 28 5.41 0.49 -2.21
CA PHE B 28 4.89 -0.27 -1.07
C PHE B 28 5.84 -1.39 -0.57
N ILE B 29 6.28 -1.23 0.67
CA ILE B 29 7.21 -2.14 1.32
C ILE B 29 6.43 -2.98 2.37
N CYS B 30 6.28 -4.28 2.12
CA CYS B 30 5.68 -5.20 3.11
C CYS B 30 6.48 -5.19 4.37
N ALA B 31 5.82 -4.89 5.48
CA ALA B 31 6.45 -4.74 6.76
C ALA B 31 5.75 -5.61 7.83
N GLN B 32 4.89 -6.51 7.40
CA GLN B 32 4.15 -7.37 8.28
C GLN B 32 5.19 -8.14 9.09
N ASN B 33 4.94 -8.16 10.41
CA ASN B 33 5.62 -9.05 11.28
C ASN B 33 4.77 -10.21 11.70
N ARG B 34 5.43 -11.32 11.77
CA ARG B 34 4.86 -12.47 12.44
C ARG B 34 5.88 -12.95 13.44
N PRO B 35 5.42 -13.62 14.53
CA PRO B 35 6.36 -14.27 15.48
C PRO B 35 7.47 -15.11 14.80
N ALA B 36 8.67 -15.00 15.38
CA ALA B 36 9.85 -15.72 14.96
C ALA B 36 9.51 -17.22 14.96
N GLY B 37 9.68 -17.84 13.81
CA GLY B 37 9.43 -19.25 13.67
C GLY B 37 8.04 -19.56 13.19
N HIS B 38 7.20 -18.52 12.95
CA HIS B 38 5.99 -18.70 12.23
C HIS B 38 6.17 -19.46 10.92
N PRO B 39 5.24 -20.36 10.58
CA PRO B 39 5.59 -21.19 9.39
C PRO B 39 5.51 -20.43 8.04
N ARG B 40 4.69 -19.37 7.93
CA ARG B 40 4.75 -18.48 6.79
C ARG B 40 5.90 -17.57 6.70
N GLY B 41 6.68 -17.44 7.77
CA GLY B 41 7.65 -16.31 7.94
C GLY B 41 6.96 -14.98 7.74
N SER B 42 7.80 -13.96 7.62
CA SER B 42 7.36 -12.58 7.49
C SER B 42 8.43 -11.66 6.87
N CYS B 43 7.97 -10.70 6.10
CA CYS B 43 8.88 -9.71 5.49
C CYS B 43 9.65 -8.95 6.55
N GLY B 44 8.99 -8.74 7.70
CA GLY B 44 9.58 -8.11 8.87
C GLY B 44 10.81 -8.90 9.32
N ALA B 45 10.69 -10.23 9.38
CA ALA B 45 11.80 -11.07 9.71
C ALA B 45 12.85 -11.27 8.56
N LYS B 46 12.48 -10.90 7.34
CA LYS B 46 13.34 -10.99 6.16
C LYS B 46 13.99 -9.72 5.74
N GLY B 47 13.89 -8.67 6.56
CA GLY B 47 14.71 -7.45 6.38
C GLY B 47 14.01 -6.21 5.81
N ALA B 48 12.70 -6.20 5.94
CA ALA B 48 11.90 -5.08 5.55
C ALA B 48 12.43 -3.72 6.05
N GLU B 49 12.90 -3.67 7.30
CA GLU B 49 13.31 -2.44 7.91
C GLU B 49 14.56 -1.92 7.14
N GLY B 50 15.56 -2.76 6.91
CA GLY B 50 16.71 -2.38 6.09
C GLY B 50 16.39 -1.94 4.69
N VAL B 51 15.42 -2.60 4.08
CA VAL B 51 14.90 -2.25 2.73
C VAL B 51 14.15 -0.92 2.67
N TYR B 52 13.21 -0.69 3.58
CA TYR B 52 12.57 0.56 3.68
C TYR B 52 13.62 1.72 3.82
N ASN B 53 14.61 1.56 4.70
CA ASN B 53 15.58 2.59 4.92
C ASN B 53 16.43 2.87 3.73
N ALA B 54 16.70 1.81 2.93
CA ALA B 54 17.55 1.96 1.75
C ALA B 54 16.74 2.81 0.74
N PHE B 55 15.46 2.49 0.55
CA PHE B 55 14.56 3.27 -0.31
C PHE B 55 14.46 4.72 0.07
N ALA B 56 14.29 4.96 1.35
CA ALA B 56 14.10 6.33 1.87
C ALA B 56 15.39 7.16 1.72
N GLN B 57 16.56 6.56 2.00
CA GLN B 57 17.88 7.14 1.86
C GLN B 57 18.05 7.53 0.39
N VAL B 58 17.63 6.67 -0.52
CA VAL B 58 17.80 6.94 -1.93
C VAL B 58 16.89 8.12 -2.36
N LEU B 59 15.60 8.01 -1.96
CA LEU B 59 14.64 9.07 -2.28
C LEU B 59 15.06 10.43 -1.77
N ILE B 60 15.61 10.53 -0.57
CA ILE B 60 16.03 11.78 0.09
C ILE B 60 17.24 12.32 -0.65
N GLN B 61 18.26 11.47 -0.87
CA GLN B 61 19.39 11.78 -1.71
C GLN B 61 19.12 12.34 -3.07
N LYS B 62 18.24 11.72 -3.82
CA LYS B 62 17.85 12.22 -5.13
C LYS B 62 16.73 13.22 -5.19
N ASN B 63 16.30 13.77 -4.06
CA ASN B 63 15.19 14.79 -3.99
C ASN B 63 13.88 14.31 -4.58
N LEU B 64 13.51 13.05 -4.22
CA LEU B 64 12.37 12.43 -4.81
C LEU B 64 11.15 12.25 -3.83
N THR B 65 11.31 12.68 -2.60
CA THR B 65 10.33 12.43 -1.55
C THR B 65 9.00 13.19 -1.83
N ASN B 66 8.95 14.15 -2.75
CA ASN B 66 7.66 14.77 -3.16
C ASN B 66 7.16 14.26 -4.48
N ARG B 67 7.91 13.40 -5.15
CA ARG B 67 7.48 12.78 -6.36
C ARG B 67 7.14 11.30 -6.16
N ILE B 68 7.80 10.64 -5.19
CA ILE B 68 7.63 9.20 -4.93
C ILE B 68 7.27 8.95 -3.45
N ALA B 69 6.09 8.30 -3.27
CA ALA B 69 5.58 7.96 -1.94
C ALA B 69 6.15 6.56 -1.59
N LEU B 70 6.40 6.37 -0.27
CA LEU B 70 7.06 5.23 0.30
C LEU B 70 6.22 4.89 1.51
N THR B 71 5.64 3.69 1.49
CA THR B 71 4.67 3.33 2.46
C THR B 71 4.94 1.87 2.86
N THR B 72 4.83 1.61 4.17
CA THR B 72 4.77 0.24 4.67
C THR B 72 3.34 -0.35 4.57
N THR B 73 3.29 -1.69 4.48
CA THR B 73 2.03 -2.41 4.31
C THR B 73 2.08 -3.66 5.16
N GLY B 74 0.95 -4.21 5.44
CA GLY B 74 0.84 -5.60 5.71
C GLY B 74 1.04 -6.53 4.54
N CYS B 75 0.74 -7.77 4.85
CA CYS B 75 1.11 -8.79 3.98
C CYS B 75 0.61 -8.60 2.58
N LEU B 76 1.55 -8.79 1.64
CA LEU B 76 1.26 -8.60 0.24
C LEU B 76 0.93 -9.86 -0.49
N GLY B 77 1.02 -11.01 0.18
CA GLY B 77 0.59 -12.31 -0.27
C GLY B 77 1.74 -13.38 -0.33
N PRO B 78 2.74 -13.17 -1.18
CA PRO B 78 3.78 -14.20 -1.36
C PRO B 78 4.91 -14.12 -0.36
N CYS B 79 4.58 -14.45 0.89
CA CYS B 79 5.51 -14.32 2.06
C CYS B 79 6.87 -15.04 1.91
N GLN B 80 6.86 -16.17 1.28
CA GLN B 80 8.08 -16.98 1.12
C GLN B 80 9.14 -16.40 0.13
N ALA B 81 8.71 -15.45 -0.68
CA ALA B 81 9.54 -14.74 -1.62
C ALA B 81 9.98 -13.39 -1.05
N GLY B 82 9.67 -13.14 0.23
CA GLY B 82 10.05 -11.87 0.88
C GLY B 82 11.55 -11.71 1.00
N ALA B 83 11.99 -10.48 1.24
CA ALA B 83 11.16 -9.29 1.46
C ALA B 83 10.58 -8.81 0.18
N ASN B 84 9.28 -8.41 0.22
CA ASN B 84 8.54 -7.99 -0.98
C ASN B 84 8.31 -6.49 -1.10
N VAL B 85 8.40 -6.03 -2.36
CA VAL B 85 8.12 -4.63 -2.74
C VAL B 85 7.22 -4.58 -3.96
N LEU B 86 6.16 -3.89 -3.81
CA LEU B 86 5.24 -3.58 -4.86
C LEU B 86 5.22 -2.08 -5.25
N ILE B 87 5.18 -1.79 -6.56
CA ILE B 87 5.21 -0.45 -7.10
C ILE B 87 4.00 -0.32 -7.98
N TYR B 88 3.35 0.83 -7.76
CA TYR B 88 2.33 1.40 -8.61
C TYR B 88 2.89 2.75 -9.21
N PRO B 89 2.45 3.11 -10.45
CA PRO B 89 1.55 2.29 -11.22
C PRO B 89 2.26 1.04 -11.72
N GLY B 90 1.49 0.00 -11.96
CA GLY B 90 1.99 -1.13 -12.66
C GLY B 90 1.79 -2.41 -11.97
N ALA B 91 1.57 -2.43 -10.66
CA ALA B 91 1.57 -3.57 -9.83
C ALA B 91 2.82 -4.48 -10.11
N VAL B 92 3.99 -3.86 -10.06
CA VAL B 92 5.24 -4.50 -10.28
C VAL B 92 5.73 -4.87 -8.92
N MET B 93 5.90 -6.17 -8.68
CA MET B 93 6.43 -6.68 -7.46
C MET B 93 7.86 -7.20 -7.67
N TYR B 94 8.65 -7.05 -6.62
CA TYR B 94 9.99 -7.49 -6.46
C TYR B 94 10.04 -8.25 -5.16
N SER B 95 10.88 -9.25 -5.15
CA SER B 95 10.97 -10.30 -4.16
C SER B 95 12.41 -10.48 -3.74
N TRP B 96 12.67 -11.11 -2.61
CA TRP B 96 14.08 -11.36 -2.14
C TRP B 96 14.82 -10.03 -2.20
N VAL B 97 14.08 -8.95 -1.89
CA VAL B 97 14.70 -7.59 -1.94
C VAL B 97 15.68 -7.36 -0.80
N GLU B 98 16.83 -6.78 -1.17
CA GLU B 98 17.92 -6.38 -0.25
C GLU B 98 18.22 -4.90 -0.30
N PRO B 99 18.92 -4.36 0.71
CA PRO B 99 19.11 -2.87 0.70
C PRO B 99 19.65 -2.22 -0.61
N ALA B 100 20.62 -2.88 -1.20
CA ALA B 100 21.34 -2.54 -2.45
C ALA B 100 20.46 -2.43 -3.65
N ASP B 101 19.37 -3.18 -3.66
CA ASP B 101 18.40 -3.06 -4.78
C ASP B 101 17.58 -1.73 -4.82
N ALA B 102 17.50 -1.07 -3.68
CA ALA B 102 16.65 0.15 -3.59
C ALA B 102 17.02 1.17 -4.65
N ALA B 103 18.33 1.62 -4.62
CA ALA B 103 18.84 2.43 -5.71
C ALA B 103 18.71 1.86 -7.08
N ILE B 104 18.87 0.56 -7.22
CA ILE B 104 18.80 -0.06 -8.56
C ILE B 104 17.33 0.19 -9.11
N ILE B 105 16.37 -0.12 -8.24
CA ILE B 105 14.92 -0.05 -8.60
C ILE B 105 14.57 1.40 -8.86
N VAL B 106 15.02 2.30 -8.00
CA VAL B 106 14.69 3.70 -8.20
C VAL B 106 15.27 4.17 -9.52
N GLU B 107 16.55 3.79 -9.78
CA GLU B 107 17.30 4.38 -10.88
C GLU B 107 16.94 3.79 -12.21
N GLN B 108 16.91 2.48 -12.29
CA GLN B 108 16.67 1.82 -13.55
C GLN B 108 15.12 1.71 -13.92
N HIS B 109 14.25 1.50 -12.94
CA HIS B 109 12.81 1.28 -13.22
C HIS B 109 12.09 2.62 -13.09
N LEU B 110 12.16 3.23 -11.92
CA LEU B 110 11.33 4.35 -11.56
C LEU B 110 11.73 5.56 -12.38
N LEU B 111 13.02 5.76 -12.52
CA LEU B 111 13.49 6.87 -13.35
C LEU B 111 13.73 6.40 -14.78
N GLY B 112 14.38 5.24 -14.96
CA GLY B 112 14.86 4.83 -16.30
C GLY B 112 13.83 4.14 -17.16
N GLY B 113 12.74 3.73 -16.53
CA GLY B 113 11.65 3.05 -17.21
C GLY B 113 11.81 1.53 -17.45
N GLU B 114 12.74 0.85 -16.78
CA GLU B 114 12.96 -0.56 -17.04
C GLU B 114 13.02 -1.34 -15.72
N PRO B 115 11.94 -2.11 -15.42
CA PRO B 115 11.98 -3.05 -14.32
C PRO B 115 13.28 -3.84 -14.23
N TYR B 116 13.73 -3.96 -12.99
CA TYR B 116 14.94 -4.65 -12.68
C TYR B 116 14.68 -6.14 -12.63
N ALA B 117 14.97 -6.80 -13.76
CA ALA B 117 14.51 -8.12 -14.01
C ALA B 117 15.06 -9.10 -12.97
N ASP B 118 16.24 -8.81 -12.40
CA ASP B 118 16.89 -9.74 -11.43
C ASP B 118 16.11 -10.03 -10.19
N LYS B 119 15.36 -9.02 -9.74
CA LYS B 119 14.55 -9.21 -8.55
C LYS B 119 13.01 -9.16 -8.80
N LEU B 120 12.53 -9.11 -10.05
CA LEU B 120 11.06 -9.16 -10.34
C LEU B 120 10.42 -10.40 -9.79
N THR B 121 9.36 -10.26 -9.00
CA THR B 121 8.68 -11.44 -8.49
C THR B 121 8.31 -12.32 -9.68
N PRO B 122 8.72 -13.60 -9.68
CA PRO B 122 8.33 -14.58 -10.73
C PRO B 122 6.86 -14.50 -11.14
N ALA B 123 6.58 -14.63 -12.45
CA ALA B 123 5.25 -14.34 -12.99
C ALA B 123 4.18 -15.32 -12.47
N GLU B 124 4.62 -16.48 -11.96
CA GLU B 124 3.77 -17.56 -11.47
C GLU B 124 3.25 -17.19 -10.11
N ILE B 125 4.04 -16.42 -9.36
CA ILE B 125 3.79 -16.08 -7.97
C ILE B 125 2.95 -14.80 -7.85
N TRP B 126 2.92 -13.97 -8.90
CA TRP B 126 2.36 -12.58 -8.77
C TRP B 126 1.93 -12.10 -10.19
FE1 FES C . -3.61 7.45 8.16
FE2 FES C . -1.67 9.38 8.38
S1 FES C . -3.03 8.99 6.73
S2 FES C . -2.41 8.02 9.91
FE1 FES D . 5.34 -9.87 3.35
FE2 FES D . 3.46 -11.84 3.36
S1 FES D . 4.30 -10.71 1.62
S2 FES D . 4.60 -11.01 5.06
#